data_4TKX
#
_entry.id   4TKX
#
_cell.length_a   116.941
_cell.length_b   116.941
_cell.length_c   86.852
_cell.angle_alpha   90.00
_cell.angle_beta   90.00
_cell.angle_gamma   90.00
#
_symmetry.space_group_name_H-M   'P 43 21 2'
#
loop_
_entity.id
_entity.type
_entity.pdbx_description
1 polymer 'Lys-gingipain W83'
2 non-polymer 'SULFATE ION'
3 non-polymer 'SODIUM ION'
4 non-polymer 'POTASSIUM ION'
5 non-polymer 'ACETATE ION'
6 non-polymer 1,2-ETHANEDIOL
7 non-polymer 'LEAD (II) ION'
8 non-polymer N-[(1S)-5-amino-1-(chloroacetyl)pentyl]-4-methylbenzenesulfonamide
9 water water
#
_entity_poly.entity_id   1
_entity_poly.type   'polypeptide(L)'
_entity_poly.pdbx_seq_one_letter_code
;DVYTDHGDLYNTPVRMLVVAGAKFKEALKPWLTWKAQKGFYLDVHYTDEAEVGTTNASIKAFIHKKYNDGLAASAAPVFL
ALVGDTDVISGEKGKKTKKVTDLYYSAVDGDYFPEMYTFRMSASSPEELTNIIDKVLMYEKATMPDKSYLEKVLLIAGAD
YSWNSQVGQPTIKYGMQYYYNQEHGYTDVYNYLKAPYTGCYSHLNTGVSFANYTAHGSETAWADPLLTTSQLKALTNKDK
YFLAIGNCCITAQFDYVQPCFGEVITRVKEKGAYAYIGSSPNSYWGEDYYWSVGANAVFGVQPTFEGTSMGSYDATFLED
SYNTVNSIMWAGNLAATHAGNIGNITHIGAHYYWEAYHVLGDGSVMPYRAMPKTNTYTLPASLPQNQASYSIQASAGSYV
AISKDGVLYGTGVANASGVATVSMTKQITENGNYDVVITRSNYLPVIKQIQV
;
_entity_poly.pdbx_strand_id   L
#
loop_
_chem_comp.id
_chem_comp.type
_chem_comp.name
_chem_comp.formula
ACT non-polymer 'ACETATE ION' 'C2 H3 O2 -1'
EDO non-polymer 1,2-ETHANEDIOL 'C2 H6 O2'
K non-polymer 'POTASSIUM ION' 'K 1'
NA non-polymer 'SODIUM ION' 'Na 1'
PB non-polymer 'LEAD (II) ION' 'Pb 2'
SO4 non-polymer 'SULFATE ION' 'O4 S -2'
TCK peptide-like N-[(1S)-5-amino-1-(chloroacetyl)pentyl]-4-methylbenzenesulfonamide 'C14 H21 Cl N2 O3 S'
#
# COMPACT_ATOMS: atom_id res chain seq x y z
N ASP A 1 5.39 -11.19 -21.46
CA ASP A 1 4.06 -10.58 -21.45
C ASP A 1 4.06 -9.39 -20.49
N VAL A 2 2.90 -8.80 -20.26
CA VAL A 2 2.80 -7.61 -19.41
C VAL A 2 3.30 -7.88 -17.99
N TYR A 3 3.15 -9.11 -17.53
CA TYR A 3 3.58 -9.46 -16.16
C TYR A 3 5.10 -9.50 -16.08
N THR A 4 5.73 -9.84 -17.19
CA THR A 4 7.18 -9.92 -17.23
C THR A 4 7.76 -8.55 -17.48
N ASP A 5 7.08 -7.75 -18.30
CA ASP A 5 7.64 -6.47 -18.71
C ASP A 5 7.31 -5.34 -17.74
N HIS A 6 6.23 -5.50 -16.98
CA HIS A 6 5.74 -4.42 -16.13
C HIS A 6 5.31 -4.97 -14.79
N GLY A 7 6.24 -5.69 -14.17
CA GLY A 7 6.01 -6.27 -12.87
C GLY A 7 6.26 -5.31 -11.69
N ASP A 8 6.38 -5.91 -10.51
CA ASP A 8 6.55 -5.20 -9.24
C ASP A 8 7.69 -4.18 -9.32
N LEU A 9 7.39 -2.93 -8.99
CA LEU A 9 8.41 -1.86 -9.03
C LEU A 9 9.37 -1.85 -7.84
N TYR A 10 9.09 -2.61 -6.80
CA TYR A 10 9.93 -2.58 -5.62
C TYR A 10 11.38 -2.90 -5.97
N ASN A 11 12.30 -2.15 -5.39
CA ASN A 11 13.73 -2.39 -5.59
C ASN A 11 14.49 -1.83 -4.39
N THR A 12 15.72 -2.27 -4.22
CA THR A 12 16.58 -1.80 -3.14
C THR A 12 17.86 -1.23 -3.74
N PRO A 13 18.51 -0.29 -3.04
CA PRO A 13 18.00 0.38 -1.84
C PRO A 13 16.69 1.07 -2.14
N VAL A 14 15.81 1.09 -1.17
CA VAL A 14 14.53 1.76 -1.35
C VAL A 14 14.71 3.27 -1.39
N ARG A 15 14.07 3.89 -2.38
CA ARG A 15 14.14 5.33 -2.57
C ARG A 15 12.73 5.88 -2.68
N MET A 16 12.48 6.97 -1.98
CA MET A 16 11.16 7.60 -1.98
C MET A 16 11.26 9.10 -2.16
N LEU A 17 10.48 9.60 -3.12
CA LEU A 17 10.31 11.03 -3.33
C LEU A 17 9.01 11.43 -2.62
N VAL A 18 9.10 12.46 -1.79
CA VAL A 18 7.95 12.94 -1.03
C VAL A 18 7.68 14.37 -1.45
N VAL A 19 6.44 14.62 -1.86
CA VAL A 19 5.98 15.99 -2.15
C VAL A 19 4.82 16.27 -1.21
N ALA A 20 4.98 17.30 -0.37
CA ALA A 20 4.07 17.53 0.73
C ALA A 20 3.63 18.99 0.82
N GLY A 21 2.38 19.19 1.17
CA GLY A 21 1.93 20.51 1.55
C GLY A 21 2.77 21.07 2.68
N ALA A 22 3.06 22.36 2.57
CA ALA A 22 3.93 23.03 3.55
C ALA A 22 3.37 22.98 4.98
N LYS A 23 2.05 22.89 5.13
CA LYS A 23 1.45 22.85 6.47
C LYS A 23 1.79 21.58 7.24
N PHE A 24 2.32 20.58 6.53
CA PHE A 24 2.55 19.27 7.13
C PHE A 24 3.98 19.04 7.61
N LYS A 25 4.82 20.06 7.55
CA LYS A 25 6.23 19.86 7.88
C LYS A 25 6.45 19.20 9.26
N GLU A 26 5.82 19.72 10.30
CA GLU A 26 6.00 19.16 11.63
C GLU A 26 5.37 17.78 11.77
N ALA A 27 4.13 17.64 11.31
CA ALA A 27 3.40 16.39 11.48
C ALA A 27 4.06 15.23 10.73
N LEU A 28 4.70 15.53 9.62
CA LEU A 28 5.28 14.49 8.80
C LEU A 28 6.57 13.90 9.40
N LYS A 29 7.23 14.66 10.27
CA LYS A 29 8.57 14.28 10.72
C LYS A 29 8.68 12.85 11.26
N PRO A 30 7.76 12.43 12.14
CA PRO A 30 7.93 11.08 12.70
C PRO A 30 7.79 9.97 11.65
N TRP A 31 6.98 10.21 10.62
CA TRP A 31 6.85 9.23 9.54
C TRP A 31 8.15 9.18 8.73
N LEU A 32 8.67 10.34 8.36
CA LEU A 32 9.92 10.39 7.62
C LEU A 32 11.07 9.78 8.42
N THR A 33 11.11 10.06 9.71
CA THR A 33 12.16 9.51 10.56
C THR A 33 12.15 7.97 10.54
N TRP A 34 10.98 7.38 10.69
CA TRP A 34 10.84 5.93 10.63
C TRP A 34 11.17 5.37 9.23
N LYS A 35 10.68 6.01 8.17
CA LYS A 35 11.02 5.52 6.84
C LYS A 35 12.55 5.50 6.64
N ALA A 36 13.24 6.55 7.08
CA ALA A 36 14.70 6.56 6.99
C ALA A 36 15.30 5.41 7.81
N GLN A 37 14.81 5.23 9.03
CA GLN A 37 15.33 4.17 9.91
C GLN A 37 15.20 2.78 9.31
N LYS A 38 14.12 2.54 8.57
CA LYS A 38 13.92 1.23 7.98
C LYS A 38 14.57 1.10 6.61
N GLY A 39 15.31 2.12 6.19
CA GLY A 39 16.13 1.99 4.99
C GLY A 39 15.66 2.69 3.73
N PHE A 40 14.76 3.66 3.85
CA PHE A 40 14.34 4.44 2.70
C PHE A 40 15.25 5.66 2.58
N TYR A 41 15.88 5.82 1.42
CA TYR A 41 16.53 7.06 1.07
C TYR A 41 15.45 8.03 0.61
N LEU A 42 15.28 9.12 1.35
CA LEU A 42 14.20 10.06 1.14
C LEU A 42 14.68 11.33 0.43
N ASP A 43 13.84 11.83 -0.47
CA ASP A 43 14.03 13.14 -1.10
C ASP A 43 12.74 13.89 -0.83
N VAL A 44 12.77 14.82 0.11
CA VAL A 44 11.53 15.40 0.68
C VAL A 44 11.42 16.86 0.32
N HIS A 45 10.29 17.21 -0.31
CA HIS A 45 10.05 18.57 -0.78
C HIS A 45 8.66 19.04 -0.43
N TYR A 46 8.53 20.35 -0.22
CA TYR A 46 7.27 20.97 0.15
C TYR A 46 6.80 21.95 -0.93
N THR A 47 5.49 22.12 -1.01
CA THR A 47 4.88 22.90 -2.06
C THR A 47 5.13 24.40 -1.91
N ASP A 48 5.70 24.84 -0.79
CA ASP A 48 6.12 26.23 -0.64
C ASP A 48 7.48 26.53 -1.29
N GLU A 49 8.15 25.51 -1.82
CA GLU A 49 9.39 25.71 -2.56
C GLU A 49 9.07 26.22 -3.96
N ALA A 50 9.83 27.19 -4.44
CA ALA A 50 9.58 27.70 -5.79
C ALA A 50 9.68 26.61 -6.84
N GLU A 51 10.60 25.68 -6.66
CA GLU A 51 10.83 24.62 -7.67
C GLU A 51 9.72 23.56 -7.67
N VAL A 52 8.87 23.59 -6.64
CA VAL A 52 7.75 22.64 -6.55
C VAL A 52 6.43 23.31 -6.92
N GLY A 53 6.08 24.35 -6.20
CA GLY A 53 4.83 25.08 -6.42
C GLY A 53 3.60 24.37 -5.88
N THR A 54 2.44 24.99 -6.07
CA THR A 54 1.21 24.45 -5.53
C THR A 54 0.25 24.11 -6.67
N THR A 55 0.75 24.11 -7.88
CA THR A 55 -0.11 23.93 -9.02
C THR A 55 0.27 22.65 -9.76
N ASN A 56 -0.72 22.00 -10.39
CA ASN A 56 -0.47 20.67 -10.98
C ASN A 56 0.73 20.65 -11.93
N ALA A 57 0.81 21.61 -12.84
CA ALA A 57 1.85 21.57 -13.85
C ALA A 57 3.25 21.64 -13.24
N SER A 58 3.46 22.52 -12.27
CA SER A 58 4.79 22.62 -11.67
C SER A 58 5.12 21.39 -10.83
N ILE A 59 4.14 20.88 -10.09
CA ILE A 59 4.40 19.73 -9.24
C ILE A 59 4.76 18.54 -10.14
N LYS A 60 4.00 18.39 -11.21
CA LYS A 60 4.22 17.28 -12.13
C LYS A 60 5.62 17.38 -12.79
N ALA A 61 5.97 18.58 -13.26
CA ALA A 61 7.30 18.79 -13.86
C ALA A 61 8.43 18.50 -12.87
N PHE A 62 8.24 18.92 -11.63
CA PHE A 62 9.23 18.70 -10.60
C PHE A 62 9.43 17.20 -10.38
N ILE A 63 8.32 16.47 -10.22
CA ILE A 63 8.41 15.03 -9.99
C ILE A 63 9.04 14.30 -11.18
N HIS A 64 8.62 14.68 -12.39
CA HIS A 64 9.14 13.99 -13.56
C HIS A 64 10.65 14.22 -13.69
N LYS A 65 11.11 15.44 -13.41
CA LYS A 65 12.54 15.70 -13.47
C LYS A 65 13.29 14.89 -12.40
N LYS A 66 12.76 14.83 -11.19
CA LYS A 66 13.39 14.02 -10.14
C LYS A 66 13.49 12.56 -10.56
N TYR A 67 12.43 12.03 -11.15
CA TYR A 67 12.44 10.65 -11.59
C TYR A 67 13.50 10.46 -12.67
N ASN A 68 13.45 11.29 -13.71
CA ASN A 68 14.37 11.12 -14.83
C ASN A 68 15.82 11.29 -14.39
N ASP A 69 16.10 12.27 -13.53
CA ASP A 69 17.44 12.49 -13.05
C ASP A 69 17.90 11.29 -12.21
N GLY A 70 17.01 10.78 -11.37
CA GLY A 70 17.31 9.61 -10.56
C GLY A 70 17.64 8.41 -11.42
N LEU A 71 16.77 8.14 -12.39
CA LEU A 71 16.98 7.00 -13.26
C LEU A 71 18.34 7.08 -13.96
N ALA A 72 18.69 8.28 -14.45
CA ALA A 72 19.96 8.48 -15.15
C ALA A 72 21.15 8.20 -14.25
N ALA A 73 20.97 8.41 -12.95
CA ALA A 73 22.02 8.18 -11.97
C ALA A 73 21.91 6.79 -11.31
N SER A 74 21.19 5.89 -11.95
CA SER A 74 20.96 4.54 -11.41
C SER A 74 20.41 4.58 -9.98
N ALA A 75 19.52 5.54 -9.74
CA ALA A 75 18.94 5.75 -8.43
C ALA A 75 17.51 6.29 -8.58
N ALA A 76 16.68 5.62 -9.37
CA ALA A 76 15.30 6.07 -9.55
C ALA A 76 14.50 5.95 -8.27
N PRO A 77 13.69 6.95 -7.95
CA PRO A 77 12.73 6.73 -6.88
C PRO A 77 11.86 5.48 -7.15
N VAL A 78 11.57 4.72 -6.10
CA VAL A 78 10.66 3.58 -6.14
C VAL A 78 9.24 4.03 -5.80
N PHE A 79 9.14 4.82 -4.72
CA PHE A 79 7.87 5.34 -4.24
C PHE A 79 7.76 6.85 -4.43
N LEU A 80 6.53 7.28 -4.71
CA LEU A 80 6.17 8.68 -4.72
C LEU A 80 5.04 8.88 -3.69
N ALA A 81 5.35 9.63 -2.64
CA ALA A 81 4.37 9.93 -1.61
C ALA A 81 3.86 11.34 -1.77
N LEU A 82 2.55 11.47 -1.96
CA LEU A 82 1.89 12.77 -2.06
C LEU A 82 1.22 13.02 -0.74
N VAL A 83 1.57 14.12 -0.09
CA VAL A 83 1.06 14.41 1.25
C VAL A 83 0.20 15.65 1.21
N GLY A 84 -1.11 15.43 1.38
CA GLY A 84 -2.08 16.50 1.27
C GLY A 84 -3.28 16.12 0.44
N ASP A 85 -4.32 16.94 0.58
CA ASP A 85 -5.54 16.81 -0.19
C ASP A 85 -5.39 17.64 -1.47
N THR A 86 -6.47 17.71 -2.25
CA THR A 86 -6.40 18.37 -3.57
C THR A 86 -6.27 19.88 -3.50
N ASP A 87 -6.44 20.45 -2.31
CA ASP A 87 -6.19 21.87 -2.11
C ASP A 87 -4.70 22.21 -2.20
N VAL A 88 -3.83 21.21 -2.00
CA VAL A 88 -2.40 21.46 -2.13
C VAL A 88 -1.72 20.68 -3.28
N ILE A 89 -2.20 19.47 -3.56
CA ILE A 89 -1.71 18.70 -4.70
C ILE A 89 -2.94 18.21 -5.44
N SER A 90 -3.27 18.83 -6.57
CA SER A 90 -4.61 18.73 -7.12
C SER A 90 -4.96 17.39 -7.80
N GLY A 91 -3.97 16.71 -8.32
CA GLY A 91 -4.20 15.68 -9.33
C GLY A 91 -4.78 16.34 -10.59
N GLU A 92 -5.26 15.52 -11.51
CA GLU A 92 -5.90 16.07 -12.71
C GLU A 92 -6.90 15.07 -13.24
N LYS A 93 -7.72 15.49 -14.19
CA LYS A 93 -8.78 14.62 -14.70
C LYS A 93 -8.21 13.53 -15.57
N GLY A 94 -8.64 12.28 -15.34
CA GLY A 94 -8.20 11.17 -16.18
C GLY A 94 -8.69 11.38 -17.61
N LYS A 95 -7.84 11.07 -18.57
CA LYS A 95 -8.20 11.18 -19.98
C LYS A 95 -9.35 10.22 -20.29
N LYS A 96 -9.32 9.05 -19.68
CA LYS A 96 -10.36 8.06 -19.89
C LYS A 96 -11.43 8.11 -18.80
N THR A 97 -11.02 8.33 -17.54
CA THR A 97 -11.99 8.24 -16.46
C THR A 97 -12.81 9.51 -16.30
N LYS A 98 -12.30 10.64 -16.75
CA LYS A 98 -12.93 11.94 -16.53
C LYS A 98 -13.07 12.31 -15.06
N LYS A 99 -12.31 11.65 -14.19
CA LYS A 99 -12.36 11.92 -12.77
C LYS A 99 -10.95 12.06 -12.27
N VAL A 100 -10.80 12.59 -11.06
CA VAL A 100 -9.46 12.91 -10.57
C VAL A 100 -8.56 11.68 -10.53
N THR A 101 -7.30 11.89 -10.87
CA THR A 101 -6.28 10.85 -10.80
C THR A 101 -4.92 11.42 -10.41
N ASP A 102 -4.08 10.60 -9.78
CA ASP A 102 -2.70 10.93 -9.46
C ASP A 102 -1.78 10.22 -10.44
N LEU A 103 -2.34 9.48 -11.40
CA LEU A 103 -1.52 8.68 -12.32
C LEU A 103 -0.45 9.48 -13.04
N TYR A 104 -0.76 10.70 -13.45
CA TYR A 104 0.16 11.45 -14.30
C TYR A 104 1.31 12.10 -13.54
N TYR A 105 1.25 12.07 -12.20
CA TYR A 105 2.43 12.40 -11.42
C TYR A 105 3.49 11.31 -11.60
N SER A 106 3.06 10.07 -11.82
CA SER A 106 4.00 8.94 -11.85
C SER A 106 4.30 8.42 -13.24
N ALA A 107 3.41 8.68 -14.18
CA ALA A 107 3.67 8.21 -15.53
C ALA A 107 4.48 9.31 -16.17
N VAL A 108 5.79 9.08 -16.30
CA VAL A 108 6.69 10.10 -16.83
C VAL A 108 6.62 10.19 -18.35
N ASP A 109 7.18 11.27 -18.84
CA ASP A 109 6.41 12.16 -19.68
C ASP A 109 5.45 11.41 -20.68
N GLY A 110 5.89 10.38 -21.40
CA GLY A 110 4.98 9.69 -22.32
C GLY A 110 4.47 8.26 -22.02
N ASP A 111 4.70 7.73 -20.82
CA ASP A 111 4.49 6.29 -20.56
C ASP A 111 3.07 5.85 -20.14
N TYR A 112 2.67 4.65 -20.55
CA TYR A 112 1.38 4.05 -20.18
C TYR A 112 1.34 3.65 -18.67
N PHE A 113 2.37 2.97 -18.21
CA PHE A 113 2.42 2.46 -16.86
C PHE A 113 3.09 3.49 -15.95
N PRO A 114 2.69 3.54 -14.67
CA PRO A 114 3.43 4.41 -13.75
C PRO A 114 4.89 3.99 -13.65
N GLU A 115 5.79 4.95 -13.41
CA GLU A 115 7.19 4.64 -13.16
C GLU A 115 7.51 4.51 -11.68
N MET A 116 6.60 4.94 -10.81
CA MET A 116 6.78 4.89 -9.36
C MET A 116 5.49 4.43 -8.72
N TYR A 117 5.61 3.74 -7.60
CA TYR A 117 4.46 3.42 -6.78
C TYR A 117 4.02 4.69 -6.04
N THR A 118 2.84 5.18 -6.40
CA THR A 118 2.34 6.45 -5.92
C THR A 118 1.21 6.23 -4.94
N PHE A 119 1.23 6.97 -3.84
CA PHE A 119 0.15 6.93 -2.87
C PHE A 119 -0.03 8.31 -2.29
N ARG A 120 -1.20 8.56 -1.73
CA ARG A 120 -1.56 9.86 -1.24
C ARG A 120 -2.02 9.77 0.22
N MET A 121 -1.24 10.42 1.09
CA MET A 121 -1.63 10.62 2.46
C MET A 121 -2.48 11.90 2.49
N SER A 122 -3.77 11.73 2.27
CA SER A 122 -4.64 12.87 2.14
C SER A 122 -5.17 13.30 3.49
N ALA A 123 -4.89 14.54 3.86
CA ALA A 123 -5.28 15.08 5.16
C ALA A 123 -5.70 16.52 4.96
N SER A 124 -6.64 16.98 5.78
CA SER A 124 -7.09 18.37 5.72
C SER A 124 -6.52 19.21 6.87
N SER A 125 -5.75 18.57 7.73
CA SER A 125 -5.12 19.23 8.86
C SER A 125 -3.91 18.42 9.29
N PRO A 126 -2.96 19.07 9.96
CA PRO A 126 -1.84 18.29 10.50
C PRO A 126 -2.31 17.17 11.45
N GLU A 127 -3.37 17.43 12.19
N GLU A 127 -3.36 17.41 12.24
CA GLU A 127 -3.91 16.45 13.14
CA GLU A 127 -3.86 16.38 13.15
C GLU A 127 -4.38 15.16 12.43
C GLU A 127 -4.30 15.12 12.37
N GLU A 128 -5.01 15.32 11.27
CA GLU A 128 -5.45 14.19 10.48
C GLU A 128 -4.28 13.42 9.91
N LEU A 129 -3.23 14.12 9.50
CA LEU A 129 -2.05 13.43 8.97
C LEU A 129 -1.42 12.61 10.10
N THR A 130 -1.33 13.22 11.27
CA THR A 130 -0.84 12.51 12.45
C THR A 130 -1.67 11.26 12.73
N ASN A 131 -2.99 11.34 12.55
CA ASN A 131 -3.83 10.17 12.76
C ASN A 131 -3.40 9.01 11.85
N ILE A 132 -3.17 9.32 10.57
CA ILE A 132 -2.75 8.31 9.62
C ILE A 132 -1.37 7.74 10.04
N ILE A 133 -0.44 8.65 10.29
CA ILE A 133 0.92 8.25 10.61
C ILE A 133 0.98 7.35 11.83
N ASP A 134 0.21 7.69 12.85
CA ASP A 134 0.30 6.93 14.10
C ASP A 134 -0.18 5.48 13.89
N LYS A 135 -1.19 5.29 13.03
CA LYS A 135 -1.65 3.96 12.72
C LYS A 135 -0.58 3.20 11.94
N VAL A 136 0.03 3.87 10.98
CA VAL A 136 1.07 3.27 10.16
C VAL A 136 2.26 2.85 11.05
N LEU A 137 2.67 3.72 11.96
CA LEU A 137 3.78 3.41 12.85
C LEU A 137 3.47 2.24 13.77
N MET A 138 2.25 2.15 14.27
CA MET A 138 1.89 1.01 15.12
C MET A 138 1.98 -0.27 14.29
N TYR A 139 1.44 -0.23 13.09
CA TYR A 139 1.38 -1.42 12.26
C TYR A 139 2.78 -1.87 11.83
N GLU A 140 3.57 -0.93 11.31
CA GLU A 140 4.88 -1.28 10.75
C GLU A 140 5.91 -1.63 11.81
N LYS A 141 5.84 -1.00 12.97
CA LYS A 141 6.74 -1.33 14.06
C LYS A 141 6.21 -2.52 14.89
N ALA A 142 4.98 -2.95 14.58
CA ALA A 142 4.30 -4.03 15.28
C ALA A 142 4.27 -3.83 16.77
N THR A 143 3.82 -2.65 17.17
CA THR A 143 3.73 -2.30 18.58
C THR A 143 2.31 -2.47 19.10
N MET A 144 1.43 -3.08 18.32
CA MET A 144 0.09 -3.36 18.82
C MET A 144 0.16 -4.33 19.99
N PRO A 145 -0.64 -4.07 21.03
CA PRO A 145 -0.63 -4.90 22.25
C PRO A 145 -1.13 -6.34 22.02
N ASP A 146 -1.99 -6.54 21.04
CA ASP A 146 -2.58 -7.86 20.81
C ASP A 146 -2.48 -8.12 19.33
N LYS A 147 -1.64 -9.07 18.94
CA LYS A 147 -1.43 -9.37 17.52
C LYS A 147 -2.44 -10.35 16.94
N SER A 148 -3.35 -10.86 17.75
CA SER A 148 -4.27 -11.89 17.28
C SER A 148 -5.18 -11.38 16.14
N TYR A 149 -5.45 -10.07 16.09
CA TYR A 149 -6.31 -9.56 15.03
C TYR A 149 -5.68 -9.73 13.66
N LEU A 150 -4.36 -9.92 13.62
CA LEU A 150 -3.66 -10.11 12.34
C LEU A 150 -4.07 -11.40 11.64
N GLU A 151 -4.61 -12.34 12.42
CA GLU A 151 -5.03 -13.64 11.90
C GLU A 151 -6.50 -13.66 11.46
N LYS A 152 -7.09 -12.48 11.27
CA LYS A 152 -8.50 -12.37 10.97
C LYS A 152 -8.72 -11.42 9.80
N VAL A 153 -9.71 -11.72 8.96
CA VAL A 153 -10.06 -10.85 7.84
C VAL A 153 -11.58 -10.79 7.69
N LEU A 154 -12.02 -9.77 6.97
CA LEU A 154 -13.42 -9.60 6.60
C LEU A 154 -13.55 -9.49 5.09
N LEU A 155 -14.35 -10.39 4.53
CA LEU A 155 -14.54 -10.46 3.08
C LEU A 155 -16.04 -10.41 2.78
N ILE A 156 -16.44 -9.44 1.96
CA ILE A 156 -17.85 -9.23 1.68
C ILE A 156 -18.14 -9.15 0.19
N ALA A 157 -18.99 -10.06 -0.29
CA ALA A 157 -19.63 -9.95 -1.61
C ALA A 157 -20.94 -9.25 -1.35
N GLY A 158 -20.97 -7.96 -1.62
CA GLY A 158 -22.09 -7.11 -1.25
C GLY A 158 -23.29 -7.35 -2.16
N ALA A 159 -24.34 -6.59 -1.92
CA ALA A 159 -25.64 -6.90 -2.50
C ALA A 159 -25.70 -6.46 -3.94
N ASP A 160 -26.24 -7.36 -4.75
CA ASP A 160 -26.73 -7.04 -6.07
C ASP A 160 -27.51 -8.27 -6.52
N TYR A 161 -28.81 -8.09 -6.73
N TYR A 161 -28.81 -8.10 -6.72
CA TYR A 161 -29.71 -9.21 -6.99
CA TYR A 161 -29.69 -9.23 -6.95
C TYR A 161 -29.20 -10.12 -8.09
C TYR A 161 -29.17 -10.14 -8.07
N SER A 162 -28.48 -9.55 -9.04
CA SER A 162 -28.01 -10.30 -10.18
C SER A 162 -26.50 -10.61 -10.17
N TRP A 163 -25.68 -9.65 -9.76
CA TRP A 163 -24.23 -9.78 -9.90
C TRP A 163 -23.56 -10.43 -8.70
N ASN A 164 -24.25 -10.44 -7.57
CA ASN A 164 -23.67 -11.03 -6.38
C ASN A 164 -23.33 -12.50 -6.63
N SER A 165 -24.24 -13.25 -7.26
CA SER A 165 -23.97 -14.68 -7.48
C SER A 165 -23.02 -14.90 -8.66
N GLN A 166 -23.04 -13.99 -9.62
CA GLN A 166 -22.28 -14.15 -10.86
C GLN A 166 -20.80 -13.81 -10.71
N VAL A 167 -20.51 -12.81 -9.88
CA VAL A 167 -19.16 -12.26 -9.80
C VAL A 167 -18.70 -12.05 -8.36
N GLY A 168 -19.56 -11.48 -7.51
CA GLY A 168 -19.16 -11.16 -6.15
C GLY A 168 -18.73 -12.38 -5.36
N GLN A 169 -19.62 -13.36 -5.27
CA GLN A 169 -19.30 -14.59 -4.56
C GLN A 169 -18.11 -15.33 -5.16
N PRO A 170 -18.08 -15.51 -6.49
CA PRO A 170 -16.89 -16.19 -7.04
C PRO A 170 -15.57 -15.49 -6.66
N THR A 171 -15.58 -14.17 -6.58
CA THR A 171 -14.37 -13.42 -6.22
C THR A 171 -13.94 -13.79 -4.80
N ILE A 172 -14.85 -13.65 -3.86
CA ILE A 172 -14.53 -13.87 -2.47
C ILE A 172 -14.20 -15.35 -2.22
N LYS A 173 -14.92 -16.24 -2.88
CA LYS A 173 -14.68 -17.67 -2.72
C LYS A 173 -13.30 -18.07 -3.24
N TYR A 174 -12.83 -17.39 -4.28
CA TYR A 174 -11.50 -17.66 -4.81
C TYR A 174 -10.46 -17.25 -3.77
N GLY A 175 -10.61 -16.05 -3.22
CA GLY A 175 -9.71 -15.59 -2.18
C GLY A 175 -9.65 -16.55 -1.02
N MET A 176 -10.79 -17.05 -0.58
CA MET A 176 -10.82 -17.97 0.56
C MET A 176 -10.26 -19.34 0.22
N GLN A 177 -10.57 -19.85 -0.95
CA GLN A 177 -10.10 -21.16 -1.33
C GLN A 177 -8.57 -21.23 -1.31
N TYR A 178 -7.93 -20.22 -1.88
CA TYR A 178 -6.51 -20.33 -2.11
C TYR A 178 -5.62 -19.64 -1.07
N TYR A 179 -6.14 -18.65 -0.35
CA TYR A 179 -5.29 -17.82 0.50
C TYR A 179 -5.85 -17.50 1.88
N TYR A 180 -7.06 -16.93 1.93
CA TYR A 180 -7.62 -16.49 3.19
C TYR A 180 -8.30 -17.67 3.85
N ASN A 181 -7.48 -18.50 4.46
CA ASN A 181 -7.93 -19.75 5.04
C ASN A 181 -7.02 -20.17 6.20
N GLN A 182 -7.50 -21.15 6.96
CA GLN A 182 -6.81 -21.61 8.16
C GLN A 182 -5.40 -22.14 7.86
N GLU A 183 -5.23 -22.72 6.68
CA GLU A 183 -3.95 -23.30 6.29
C GLU A 183 -2.88 -22.25 5.95
N HIS A 184 -3.32 -21.00 5.79
CA HIS A 184 -2.40 -19.88 5.70
C HIS A 184 -2.27 -19.10 7.01
N GLY A 185 -2.89 -19.59 8.08
CA GLY A 185 -2.73 -18.99 9.39
C GLY A 185 -3.88 -18.13 9.88
N TYR A 186 -4.93 -18.00 9.08
CA TYR A 186 -6.06 -17.16 9.47
C TYR A 186 -7.02 -17.97 10.34
N THR A 187 -7.22 -17.51 11.56
CA THR A 187 -8.11 -18.19 12.50
C THR A 187 -9.57 -17.82 12.30
N ASP A 188 -9.81 -16.62 11.76
CA ASP A 188 -11.17 -16.14 11.57
C ASP A 188 -11.27 -15.43 10.24
N VAL A 189 -11.91 -16.09 9.29
CA VAL A 189 -12.17 -15.52 7.98
C VAL A 189 -13.66 -15.19 7.95
N TYR A 190 -13.96 -13.98 8.39
CA TYR A 190 -15.33 -13.53 8.45
C TYR A 190 -15.76 -13.24 7.04
N ASN A 191 -16.77 -13.95 6.54
CA ASN A 191 -17.15 -13.76 5.16
C ASN A 191 -18.65 -13.73 5.00
N TYR A 192 -19.11 -12.84 4.14
CA TYR A 192 -20.53 -12.63 3.87
C TYR A 192 -20.73 -12.70 2.38
N LEU A 193 -21.35 -13.79 1.94
CA LEU A 193 -21.49 -14.04 0.51
C LEU A 193 -22.78 -13.46 -0.04
N LYS A 194 -23.74 -13.23 0.84
CA LYS A 194 -25.09 -12.77 0.48
C LYS A 194 -25.84 -12.43 1.77
N ALA A 195 -27.00 -11.82 1.65
CA ALA A 195 -27.79 -11.49 2.84
C ALA A 195 -28.13 -12.79 3.57
N PRO A 196 -28.27 -12.73 4.90
CA PRO A 196 -28.18 -11.57 5.78
C PRO A 196 -26.76 -11.09 6.07
N TYR A 197 -26.57 -9.79 6.00
CA TYR A 197 -25.28 -9.19 6.29
C TYR A 197 -25.14 -8.71 7.73
N THR A 198 -26.22 -8.77 8.49
CA THR A 198 -26.20 -8.24 9.85
C THR A 198 -25.01 -8.81 10.63
N GLY A 199 -24.28 -7.92 11.31
CA GLY A 199 -23.12 -8.30 12.08
C GLY A 199 -21.81 -8.14 11.33
N CYS A 200 -21.88 -7.88 10.02
CA CYS A 200 -20.66 -7.94 9.24
C CYS A 200 -19.64 -6.87 9.64
N TYR A 201 -20.09 -5.65 9.87
CA TYR A 201 -19.13 -4.59 10.16
C TYR A 201 -18.66 -4.54 11.62
N SER A 202 -19.34 -5.24 12.50
N SER A 202 -19.35 -5.26 12.49
CA SER A 202 -18.91 -5.34 13.88
CA SER A 202 -18.91 -5.38 13.88
C SER A 202 -17.52 -6.01 13.96
C SER A 202 -17.50 -5.97 13.93
N HIS A 203 -17.15 -6.80 12.95
CA HIS A 203 -15.82 -7.40 12.89
C HIS A 203 -14.71 -6.35 12.64
N LEU A 204 -15.04 -5.23 12.02
CA LEU A 204 -14.08 -4.12 11.91
C LEU A 204 -13.70 -3.64 13.30
N ASN A 205 -14.66 -3.65 14.23
CA ASN A 205 -14.41 -3.21 15.59
C ASN A 205 -13.66 -4.25 16.42
N THR A 206 -14.05 -5.51 16.33
CA THR A 206 -13.42 -6.54 17.15
C THR A 206 -12.00 -6.87 16.67
N GLY A 207 -11.77 -6.72 15.37
CA GLY A 207 -10.42 -6.75 14.84
C GLY A 207 -10.24 -7.61 13.61
N VAL A 208 -9.80 -6.99 12.53
CA VAL A 208 -9.37 -7.70 11.33
C VAL A 208 -8.16 -6.97 10.76
N SER A 209 -7.31 -7.70 10.05
CA SER A 209 -6.15 -7.13 9.39
C SER A 209 -6.46 -6.59 7.99
N PHE A 210 -7.58 -7.04 7.42
CA PHE A 210 -7.90 -6.80 6.03
C PHE A 210 -9.40 -6.85 5.89
N ALA A 211 -9.94 -5.90 5.13
CA ALA A 211 -11.36 -5.85 4.79
C ALA A 211 -11.49 -5.59 3.29
N ASN A 212 -12.22 -6.44 2.59
CA ASN A 212 -12.40 -6.30 1.15
C ASN A 212 -13.89 -6.42 0.86
N TYR A 213 -14.42 -5.38 0.23
CA TYR A 213 -15.83 -5.30 -0.17
C TYR A 213 -15.90 -5.19 -1.68
N THR A 214 -16.73 -6.03 -2.28
CA THR A 214 -17.00 -5.93 -3.71
C THR A 214 -18.52 -5.94 -3.97
N ALA A 215 -18.98 -4.81 -4.52
CA ALA A 215 -20.38 -4.56 -4.91
C ALA A 215 -20.50 -3.04 -5.11
N HIS A 216 -21.63 -2.42 -4.74
CA HIS A 216 -21.83 -1.01 -5.09
C HIS A 216 -21.24 -0.04 -4.09
N GLY A 217 -20.75 1.08 -4.60
CA GLY A 217 -20.19 2.13 -3.77
C GLY A 217 -20.65 3.52 -4.17
N SER A 218 -20.47 4.47 -3.26
CA SER A 218 -20.69 5.87 -3.57
C SER A 218 -19.49 6.64 -3.03
N GLU A 219 -19.48 7.96 -3.15
CA GLU A 219 -18.29 8.71 -2.76
C GLU A 219 -17.99 8.54 -1.28
N THR A 220 -19.04 8.31 -0.49
CA THR A 220 -18.92 8.29 0.97
C THR A 220 -19.43 7.00 1.62
N ALA A 221 -19.57 5.94 0.85
CA ALA A 221 -20.08 4.69 1.41
C ALA A 221 -19.78 3.45 0.60
N TRP A 222 -19.59 2.33 1.31
CA TRP A 222 -19.90 1.02 0.75
C TRP A 222 -21.41 0.89 0.88
N ALA A 223 -22.11 0.60 -0.23
CA ALA A 223 -23.56 0.83 -0.29
C ALA A 223 -24.42 -0.21 0.44
N ASP A 224 -24.06 -1.49 0.34
CA ASP A 224 -24.93 -2.56 0.82
C ASP A 224 -24.15 -3.87 0.86
N PRO A 225 -23.84 -4.35 2.08
CA PRO A 225 -24.17 -3.77 3.38
C PRO A 225 -23.58 -2.38 3.57
N LEU A 226 -24.39 -1.51 4.13
CA LEU A 226 -24.06 -0.10 4.23
C LEU A 226 -23.01 0.21 5.27
N LEU A 227 -21.97 0.91 4.83
CA LEU A 227 -20.95 1.47 5.72
C LEU A 227 -20.64 2.87 5.22
N THR A 228 -21.13 3.86 5.94
CA THR A 228 -20.95 5.23 5.54
C THR A 228 -19.79 5.90 6.27
N THR A 229 -19.40 7.08 5.83
CA THR A 229 -18.34 7.82 6.49
C THR A 229 -18.71 8.15 7.94
N SER A 230 -19.99 8.39 8.21
N SER A 230 -19.99 8.39 8.22
CA SER A 230 -20.46 8.61 9.56
CA SER A 230 -20.39 8.64 9.61
C SER A 230 -20.17 7.39 10.43
C SER A 230 -20.17 7.38 10.45
N GLN A 231 -20.43 6.21 9.89
CA GLN A 231 -20.16 4.97 10.63
C GLN A 231 -18.66 4.75 10.81
N LEU A 232 -17.85 5.15 9.83
CA LEU A 232 -16.39 5.03 9.97
C LEU A 232 -15.89 5.81 11.18
N LYS A 233 -16.45 6.99 11.37
CA LYS A 233 -16.03 7.86 12.44
C LYS A 233 -16.40 7.30 13.81
N ALA A 234 -17.32 6.35 13.82
CA ALA A 234 -17.77 5.69 15.05
C ALA A 234 -17.17 4.31 15.28
N LEU A 235 -16.24 3.88 14.43
CA LEU A 235 -15.52 2.64 14.67
C LEU A 235 -14.75 2.70 15.99
N THR A 236 -14.45 1.52 16.52
CA THR A 236 -13.80 1.39 17.81
C THR A 236 -12.61 0.43 17.81
N ASN A 237 -12.01 0.21 16.64
CA ASN A 237 -10.90 -0.72 16.51
C ASN A 237 -9.54 -0.15 16.92
N LYS A 238 -9.50 0.41 18.12
CA LYS A 238 -8.27 0.88 18.70
C LYS A 238 -7.20 -0.22 18.66
N ASP A 239 -6.02 0.15 18.18
CA ASP A 239 -4.86 -0.74 18.10
C ASP A 239 -4.99 -1.91 17.11
N LYS A 240 -5.98 -1.87 16.23
CA LYS A 240 -6.26 -2.98 15.33
C LYS A 240 -6.52 -2.45 13.92
N TYR A 241 -5.48 -1.88 13.31
CA TYR A 241 -5.64 -1.17 12.04
C TYR A 241 -5.42 -2.11 10.85
N PHE A 242 -6.26 -1.90 9.83
CA PHE A 242 -6.33 -2.78 8.68
C PHE A 242 -6.05 -2.08 7.36
N LEU A 243 -5.80 -2.91 6.35
CA LEU A 243 -5.87 -2.49 4.96
C LEU A 243 -7.29 -2.76 4.52
N ALA A 244 -7.91 -1.76 3.88
CA ALA A 244 -9.23 -1.97 3.28
C ALA A 244 -9.15 -1.75 1.77
N ILE A 245 -9.89 -2.58 1.04
CA ILE A 245 -9.98 -2.47 -0.41
C ILE A 245 -11.45 -2.48 -0.80
N GLY A 246 -11.87 -1.42 -1.46
CA GLY A 246 -13.22 -1.31 -1.96
C GLY A 246 -13.19 -1.48 -3.46
N ASN A 247 -13.60 -2.66 -3.92
CA ASN A 247 -13.73 -2.91 -5.34
C ASN A 247 -15.15 -2.51 -5.70
N CYS A 248 -15.31 -1.23 -5.97
CA CYS A 248 -16.62 -0.64 -6.19
C CYS A 248 -16.43 0.76 -6.76
N CYS A 249 -17.53 1.42 -7.11
CA CYS A 249 -17.44 2.80 -7.61
C CYS A 249 -17.00 3.82 -6.58
N ILE A 250 -16.20 4.76 -7.08
CA ILE A 250 -16.01 6.14 -6.56
C ILE A 250 -15.66 6.42 -5.08
N THR A 251 -15.39 5.39 -4.29
CA THR A 251 -15.07 5.60 -2.88
C THR A 251 -13.72 6.29 -2.68
N ALA A 252 -12.87 6.29 -3.71
CA ALA A 252 -11.59 7.01 -3.65
C ALA A 252 -11.59 8.29 -4.50
N GLN A 253 -12.77 8.85 -4.75
CA GLN A 253 -12.87 10.08 -5.54
C GLN A 253 -12.51 11.26 -4.65
N PHE A 254 -11.20 11.53 -4.54
CA PHE A 254 -10.68 12.36 -3.47
C PHE A 254 -10.72 13.87 -3.73
N ASP A 255 -11.40 14.29 -4.80
CA ASP A 255 -11.71 15.70 -4.99
C ASP A 255 -13.19 15.99 -4.86
N TYR A 256 -13.94 15.06 -4.26
CA TYR A 256 -15.35 15.27 -4.00
C TYR A 256 -15.54 16.39 -2.97
N VAL A 257 -16.72 17.01 -2.97
CA VAL A 257 -17.00 18.15 -2.10
C VAL A 257 -16.91 17.80 -0.62
N GLN A 258 -17.18 16.54 -0.29
N GLN A 258 -17.19 16.54 -0.30
CA GLN A 258 -16.98 16.02 1.05
CA GLN A 258 -17.00 15.99 1.04
C GLN A 258 -15.83 15.01 1.04
C GLN A 258 -15.82 15.04 1.03
N PRO A 259 -15.15 14.85 2.17
CA PRO A 259 -14.10 13.82 2.20
C PRO A 259 -14.67 12.48 1.76
N CYS A 260 -13.96 11.78 0.86
CA CYS A 260 -14.46 10.52 0.36
C CYS A 260 -14.21 9.38 1.38
N PHE A 261 -14.87 8.27 1.15
CA PHE A 261 -14.78 7.11 2.02
C PHE A 261 -13.31 6.74 2.27
N GLY A 262 -12.51 6.70 1.21
CA GLY A 262 -11.10 6.34 1.37
C GLY A 262 -10.30 7.29 2.23
N GLU A 263 -10.62 8.57 2.11
CA GLU A 263 -10.01 9.60 2.95
C GLU A 263 -10.45 9.44 4.40
N VAL A 264 -11.74 9.25 4.63
CA VAL A 264 -12.22 9.17 6.00
C VAL A 264 -11.66 7.92 6.67
N ILE A 265 -11.65 6.78 5.98
CA ILE A 265 -11.22 5.54 6.63
C ILE A 265 -9.75 5.59 7.06
N THR A 266 -8.96 6.39 6.37
CA THR A 266 -7.55 6.57 6.75
C THR A 266 -7.33 7.73 7.72
N ARG A 267 -8.10 8.81 7.59
CA ARG A 267 -7.98 9.96 8.49
C ARG A 267 -8.46 9.75 9.92
N VAL A 268 -9.41 8.84 10.14
CA VAL A 268 -10.01 8.72 11.46
C VAL A 268 -8.98 8.30 12.52
N LYS A 269 -9.12 8.88 13.71
CA LYS A 269 -8.12 8.73 14.78
C LYS A 269 -8.26 7.42 15.54
N GLU A 270 -7.17 6.64 15.59
CA GLU A 270 -7.11 5.43 16.42
C GLU A 270 -8.27 4.48 16.12
N LYS A 271 -8.63 4.43 14.84
CA LYS A 271 -9.66 3.53 14.35
C LYS A 271 -9.52 3.48 12.83
N GLY A 272 -10.28 2.62 12.17
CA GLY A 272 -10.19 2.52 10.72
C GLY A 272 -8.90 1.90 10.20
N ALA A 273 -8.46 2.41 9.06
CA ALA A 273 -7.43 1.76 8.25
C ALA A 273 -6.10 2.52 8.27
N TYR A 274 -5.01 1.81 7.97
CA TYR A 274 -3.73 2.48 7.69
C TYR A 274 -3.55 2.80 6.20
N ALA A 275 -4.36 2.14 5.36
CA ALA A 275 -4.34 2.37 3.92
C ALA A 275 -5.65 1.85 3.32
N TYR A 276 -6.01 2.43 2.20
CA TYR A 276 -7.21 2.09 1.46
C TYR A 276 -6.85 2.03 -0.03
N ILE A 277 -7.33 1.00 -0.70
CA ILE A 277 -7.29 0.93 -2.15
C ILE A 277 -8.73 1.00 -2.65
N GLY A 278 -8.99 1.95 -3.54
CA GLY A 278 -10.29 2.09 -4.15
C GLY A 278 -10.21 2.88 -5.45
N SER A 279 -11.37 3.08 -6.05
CA SER A 279 -11.47 3.70 -7.36
C SER A 279 -12.01 5.12 -7.27
N SER A 280 -11.41 6.03 -8.01
CA SER A 280 -11.90 7.38 -8.12
C SER A 280 -13.17 7.48 -9.00
N PRO A 281 -13.16 6.91 -10.23
CA PRO A 281 -14.38 6.85 -11.03
C PRO A 281 -15.17 5.58 -10.75
N ASN A 282 -16.18 5.32 -11.58
CA ASN A 282 -16.89 4.07 -11.51
C ASN A 282 -15.98 2.88 -11.75
N SER A 283 -16.25 1.77 -11.08
CA SER A 283 -15.65 0.49 -11.44
C SER A 283 -16.75 -0.41 -12.01
N TYR A 284 -16.33 -1.54 -12.57
CA TYR A 284 -17.25 -2.40 -13.32
C TYR A 284 -17.06 -3.84 -12.89
N TRP A 285 -18.12 -4.62 -13.02
CA TRP A 285 -18.06 -5.97 -12.50
C TRP A 285 -16.96 -6.85 -13.13
N GLY A 286 -16.85 -6.82 -14.46
CA GLY A 286 -15.88 -7.68 -15.12
C GLY A 286 -14.47 -7.28 -14.78
N GLU A 287 -14.18 -5.99 -14.89
CA GLU A 287 -12.85 -5.51 -14.65
C GLU A 287 -12.42 -5.76 -13.19
N ASP A 288 -13.31 -5.56 -12.21
CA ASP A 288 -12.95 -5.82 -10.80
C ASP A 288 -12.76 -7.33 -10.54
N TYR A 289 -13.50 -8.15 -11.29
CA TYR A 289 -13.41 -9.61 -11.16
C TYR A 289 -11.99 -10.02 -11.54
N TYR A 290 -11.55 -9.57 -12.71
CA TYR A 290 -10.19 -9.83 -13.15
C TYR A 290 -9.15 -9.25 -12.19
N TRP A 291 -9.41 -8.03 -11.73
CA TRP A 291 -8.48 -7.34 -10.83
C TRP A 291 -8.16 -8.25 -9.62
N SER A 292 -9.18 -8.81 -9.01
CA SER A 292 -8.97 -9.60 -7.78
C SER A 292 -8.48 -11.02 -8.04
N VAL A 293 -9.05 -11.65 -9.06
CA VAL A 293 -8.87 -13.09 -9.28
C VAL A 293 -7.82 -13.41 -10.32
N GLY A 294 -7.74 -12.57 -11.35
CA GLY A 294 -6.90 -12.81 -12.51
C GLY A 294 -7.72 -12.89 -13.80
N ALA A 295 -7.03 -12.76 -14.93
CA ALA A 295 -7.65 -12.92 -16.24
C ALA A 295 -8.16 -14.35 -16.45
N ASN A 296 -9.14 -14.47 -17.35
CA ASN A 296 -9.75 -15.74 -17.76
C ASN A 296 -10.90 -16.19 -16.84
N ALA A 297 -11.16 -15.41 -15.80
CA ALA A 297 -12.31 -15.67 -14.93
C ALA A 297 -13.61 -15.49 -15.73
N VAL A 298 -14.63 -16.30 -15.42
CA VAL A 298 -15.87 -16.33 -16.18
C VAL A 298 -17.07 -16.09 -15.28
N PHE A 299 -18.01 -15.27 -15.73
CA PHE A 299 -19.20 -14.97 -14.94
C PHE A 299 -19.98 -16.23 -14.62
N GLY A 300 -20.36 -16.40 -13.37
CA GLY A 300 -21.18 -17.53 -12.95
C GLY A 300 -20.48 -18.89 -12.90
N VAL A 301 -19.16 -18.88 -13.01
CA VAL A 301 -18.34 -20.10 -12.91
C VAL A 301 -17.23 -19.85 -11.90
N GLN A 302 -17.06 -20.75 -10.94
CA GLN A 302 -16.05 -20.55 -9.92
C GLN A 302 -14.65 -20.67 -10.54
N PRO A 303 -13.87 -19.57 -10.51
CA PRO A 303 -12.55 -19.62 -11.15
C PRO A 303 -11.56 -20.46 -10.35
N THR A 304 -10.56 -21.00 -11.04
CA THR A 304 -9.50 -21.74 -10.38
C THR A 304 -8.15 -21.02 -10.48
N PHE A 305 -7.26 -21.39 -9.60
CA PHE A 305 -5.90 -20.88 -9.57
C PHE A 305 -5.15 -21.27 -10.84
N GLU A 306 -5.30 -22.51 -11.27
CA GLU A 306 -4.61 -22.98 -12.46
C GLU A 306 -5.21 -22.36 -13.74
N GLY A 307 -6.50 -22.01 -13.71
CA GLY A 307 -7.17 -21.52 -14.91
C GLY A 307 -7.18 -20.00 -15.13
N THR A 308 -6.60 -19.25 -14.21
CA THR A 308 -6.60 -17.79 -14.30
C THR A 308 -5.18 -17.27 -14.24
N SER A 309 -4.97 -16.05 -14.72
CA SER A 309 -3.67 -15.41 -14.56
C SER A 309 -3.56 -14.84 -13.14
N MET A 310 -2.43 -14.18 -12.87
CA MET A 310 -2.21 -13.61 -11.55
C MET A 310 -3.07 -12.37 -11.32
N GLY A 311 -3.89 -12.42 -10.29
CA GLY A 311 -4.63 -11.25 -9.84
C GLY A 311 -4.08 -10.69 -8.54
N SER A 312 -4.82 -9.76 -7.94
N SER A 312 -4.84 -9.75 -7.97
CA SER A 312 -4.37 -9.09 -6.73
CA SER A 312 -4.46 -9.08 -6.74
C SER A 312 -4.23 -10.04 -5.54
C SER A 312 -4.23 -10.05 -5.59
N TYR A 313 -5.18 -10.94 -5.36
CA TYR A 313 -5.05 -11.91 -4.27
C TYR A 313 -3.78 -12.75 -4.46
N ASP A 314 -3.60 -13.27 -5.68
CA ASP A 314 -2.46 -14.12 -5.98
C ASP A 314 -1.14 -13.39 -5.68
N ALA A 315 -1.04 -12.16 -6.15
CA ALA A 315 0.18 -11.38 -5.95
C ALA A 315 0.45 -11.15 -4.47
N THR A 316 -0.59 -10.80 -3.72
CA THR A 316 -0.46 -10.53 -2.29
C THR A 316 0.32 -11.68 -1.63
N PHE A 317 -0.06 -12.90 -2.00
CA PHE A 317 0.45 -14.10 -1.32
C PHE A 317 1.72 -14.71 -1.92
N LEU A 318 2.19 -14.16 -3.04
CA LEU A 318 3.57 -14.48 -3.47
C LEU A 318 4.50 -14.01 -2.35
N GLU A 319 5.44 -14.86 -1.97
CA GLU A 319 6.25 -14.56 -0.81
C GLU A 319 7.39 -13.61 -1.13
N ASP A 320 7.92 -13.66 -2.35
N ASP A 320 7.79 -13.68 -2.41
CA ASP A 320 9.12 -12.89 -2.67
CA ASP A 320 9.01 -13.11 -3.01
C ASP A 320 8.87 -11.73 -3.65
C ASP A 320 8.85 -11.69 -3.53
N SER A 321 7.61 -11.33 -3.82
CA SER A 321 7.32 -10.14 -4.59
C SER A 321 5.90 -9.70 -4.30
N TYR A 322 5.55 -8.51 -4.78
CA TYR A 322 4.24 -7.92 -4.52
C TYR A 322 3.93 -7.93 -3.04
N ASN A 323 4.81 -7.30 -2.27
CA ASN A 323 4.67 -7.29 -0.83
C ASN A 323 4.32 -5.95 -0.21
N THR A 324 4.04 -4.96 -1.05
CA THR A 324 3.57 -3.67 -0.56
C THR A 324 2.09 -3.45 -0.88
N VAL A 325 1.48 -2.50 -0.19
CA VAL A 325 0.11 -2.10 -0.49
C VAL A 325 0.01 -1.65 -1.96
N ASN A 326 0.92 -0.78 -2.40
CA ASN A 326 0.88 -0.35 -3.79
C ASN A 326 0.92 -1.52 -4.75
N SER A 327 1.74 -2.52 -4.44
CA SER A 327 1.90 -3.65 -5.35
C SER A 327 0.63 -4.48 -5.48
N ILE A 328 -0.20 -4.48 -4.46
CA ILE A 328 -1.47 -5.21 -4.52
C ILE A 328 -2.37 -4.55 -5.59
N MET A 329 -2.42 -3.24 -5.57
CA MET A 329 -3.18 -2.48 -6.56
C MET A 329 -2.60 -2.67 -7.96
N TRP A 330 -1.27 -2.62 -8.07
CA TRP A 330 -0.57 -2.81 -9.33
C TRP A 330 -0.95 -4.15 -9.96
N ALA A 331 -0.92 -5.20 -9.15
CA ALA A 331 -1.26 -6.55 -9.62
C ALA A 331 -2.68 -6.62 -10.18
N GLY A 332 -3.60 -5.99 -9.48
CA GLY A 332 -4.99 -5.93 -9.91
C GLY A 332 -5.09 -5.24 -11.26
N ASN A 333 -4.48 -4.08 -11.36
CA ASN A 333 -4.50 -3.35 -12.61
C ASN A 333 -3.84 -4.16 -13.75
N LEU A 334 -2.76 -4.87 -13.45
CA LEU A 334 -2.09 -5.70 -14.45
C LEU A 334 -3.02 -6.79 -14.95
N ALA A 335 -3.75 -7.41 -14.02
CA ALA A 335 -4.68 -8.48 -14.38
C ALA A 335 -5.79 -7.97 -15.28
N ALA A 336 -6.35 -6.82 -14.94
CA ALA A 336 -7.39 -6.24 -15.76
C ALA A 336 -6.83 -5.89 -17.14
N THR A 337 -5.58 -5.44 -17.18
CA THR A 337 -4.93 -5.09 -18.44
C THR A 337 -4.67 -6.33 -19.31
N HIS A 338 -4.12 -7.36 -18.67
CA HIS A 338 -3.86 -8.62 -19.35
C HIS A 338 -5.14 -9.20 -19.89
N ALA A 339 -6.22 -9.14 -19.11
CA ALA A 339 -7.50 -9.69 -19.53
C ALA A 339 -7.93 -9.03 -20.83
N GLY A 340 -7.72 -7.73 -20.94
CA GLY A 340 -7.97 -7.03 -22.20
C GLY A 340 -7.05 -7.47 -23.32
N ASN A 341 -5.76 -7.56 -23.04
CA ASN A 341 -4.79 -7.94 -24.06
C ASN A 341 -5.08 -9.30 -24.70
N ILE A 342 -5.39 -10.29 -23.89
CA ILE A 342 -5.59 -11.65 -24.39
C ILE A 342 -7.01 -11.87 -24.91
N GLY A 343 -7.84 -10.84 -24.83
CA GLY A 343 -9.14 -10.88 -25.44
C GLY A 343 -10.29 -11.36 -24.57
N ASN A 344 -10.11 -11.35 -23.25
CA ASN A 344 -11.22 -11.59 -22.35
C ASN A 344 -12.26 -10.51 -22.56
N ILE A 345 -13.50 -10.82 -22.20
CA ILE A 345 -14.57 -9.84 -22.25
C ILE A 345 -14.21 -8.62 -21.38
N THR A 346 -14.01 -7.49 -22.05
CA THR A 346 -13.82 -6.21 -21.37
C THR A 346 -14.58 -5.16 -22.16
N HIS A 347 -15.18 -4.20 -21.48
CA HIS A 347 -15.84 -3.11 -22.20
C HIS A 347 -15.23 -1.74 -21.85
N ILE A 348 -14.04 -1.75 -21.25
CA ILE A 348 -13.28 -0.52 -21.06
C ILE A 348 -11.79 -0.78 -21.24
N GLY A 349 -11.07 0.22 -21.74
CA GLY A 349 -9.65 0.10 -21.96
C GLY A 349 -8.87 -0.04 -20.65
N ALA A 350 -7.70 -0.64 -20.72
CA ALA A 350 -6.90 -0.84 -19.53
C ALA A 350 -6.41 0.50 -18.99
N HIS A 351 -6.22 1.47 -19.88
CA HIS A 351 -5.78 2.81 -19.49
C HIS A 351 -6.65 3.34 -18.35
N TYR A 352 -7.95 3.09 -18.46
CA TYR A 352 -8.94 3.54 -17.48
C TYR A 352 -8.59 3.02 -16.08
N TYR A 353 -8.26 1.73 -15.97
CA TYR A 353 -8.01 1.15 -14.65
C TYR A 353 -6.79 1.74 -13.99
N TRP A 354 -5.75 2.01 -14.76
CA TRP A 354 -4.55 2.65 -14.20
C TRP A 354 -4.86 4.08 -13.73
N GLU A 355 -5.76 4.76 -14.42
CA GLU A 355 -6.21 6.09 -13.98
C GLU A 355 -7.17 6.03 -12.77
N ALA A 356 -7.85 4.90 -12.63
CA ALA A 356 -8.97 4.79 -11.69
C ALA A 356 -8.55 4.48 -10.26
N TYR A 357 -7.77 3.41 -10.10
CA TYR A 357 -7.45 2.91 -8.77
C TYR A 357 -6.34 3.72 -8.11
N HIS A 358 -6.53 3.97 -6.81
CA HIS A 358 -5.60 4.72 -5.99
C HIS A 358 -5.36 4.10 -4.63
N VAL A 359 -4.20 4.41 -4.06
CA VAL A 359 -3.91 4.18 -2.66
C VAL A 359 -4.04 5.49 -1.92
N LEU A 360 -4.88 5.48 -0.89
CA LEU A 360 -4.96 6.55 0.09
C LEU A 360 -4.40 6.00 1.40
N GLY A 361 -3.65 6.82 2.13
CA GLY A 361 -2.85 6.27 3.21
C GLY A 361 -1.49 5.83 2.69
N ASP A 362 -0.82 4.94 3.43
CA ASP A 362 0.59 4.64 3.15
C ASP A 362 0.74 3.37 2.30
N GLY A 363 0.98 3.58 1.01
CA GLY A 363 1.16 2.48 0.08
C GLY A 363 2.47 1.73 0.18
N SER A 364 3.40 2.28 0.97
CA SER A 364 4.70 1.65 1.14
C SER A 364 4.70 0.62 2.27
N VAL A 365 3.61 0.53 3.03
CA VAL A 365 3.45 -0.53 4.01
C VAL A 365 3.53 -1.91 3.35
N MET A 366 4.18 -2.85 4.03
N MET A 366 4.24 -2.82 4.03
CA MET A 366 4.29 -4.21 3.56
CA MET A 366 4.30 -4.24 3.69
C MET A 366 3.41 -5.09 4.46
C MET A 366 3.32 -4.98 4.59
N PRO A 367 2.15 -5.33 4.06
CA PRO A 367 1.20 -6.01 4.95
C PRO A 367 1.63 -7.41 5.36
N TYR A 368 1.32 -7.75 6.61
CA TYR A 368 1.53 -9.10 7.09
C TYR A 368 0.48 -10.00 6.44
N ARG A 369 0.75 -11.30 6.48
CA ARG A 369 -0.17 -12.33 5.99
C ARG A 369 -0.39 -13.32 7.14
N ALA A 370 -1.48 -13.13 7.86
CA ALA A 370 -1.75 -13.77 9.13
C ALA A 370 -0.65 -13.37 10.10
N MET A 371 -0.20 -14.28 10.96
CA MET A 371 0.75 -13.87 11.98
C MET A 371 2.16 -13.81 11.41
N PRO A 372 2.79 -12.65 11.51
CA PRO A 372 4.15 -12.55 10.98
C PRO A 372 5.16 -13.35 11.79
N LYS A 373 6.23 -13.73 11.12
CA LYS A 373 7.28 -14.55 11.68
C LYS A 373 8.30 -13.74 12.48
N THR A 374 9.03 -14.43 13.35
CA THR A 374 10.14 -13.84 14.08
C THR A 374 11.43 -14.01 13.29
N ASN A 375 12.13 -12.91 13.04
CA ASN A 375 13.33 -12.97 12.24
C ASN A 375 14.51 -13.44 13.08
N THR A 376 15.57 -13.86 12.40
CA THR A 376 16.81 -14.29 13.04
C THR A 376 17.96 -13.45 12.49
N TYR A 377 18.93 -13.16 13.34
CA TYR A 377 19.98 -12.22 13.01
C TYR A 377 21.04 -12.28 14.10
N THR A 378 22.14 -11.57 13.88
CA THR A 378 23.11 -11.36 14.94
C THR A 378 23.48 -9.91 14.91
N LEU A 379 23.46 -9.29 16.08
CA LEU A 379 23.78 -7.89 16.26
C LEU A 379 25.25 -7.78 16.66
N PRO A 380 26.09 -7.12 15.85
CA PRO A 380 27.45 -6.98 16.37
C PRO A 380 27.52 -6.08 17.61
N ALA A 381 28.56 -6.29 18.42
CA ALA A 381 28.74 -5.55 19.65
C ALA A 381 29.20 -4.12 19.40
N SER A 382 29.84 -3.91 18.26
CA SER A 382 30.33 -2.59 17.91
C SER A 382 30.44 -2.44 16.39
N LEU A 383 30.49 -1.21 15.91
CA LEU A 383 30.75 -0.91 14.51
C LEU A 383 32.02 -0.07 14.44
N PRO A 384 33.10 -0.62 13.87
CA PRO A 384 34.29 0.21 13.69
C PRO A 384 33.99 1.38 12.78
N GLN A 385 34.59 2.52 13.10
CA GLN A 385 34.41 3.73 12.32
C GLN A 385 35.10 3.63 10.96
N ASN A 386 34.65 4.46 10.03
CA ASN A 386 35.31 4.66 8.74
C ASN A 386 35.38 3.42 7.85
N GLN A 387 34.29 2.67 7.83
CA GLN A 387 34.16 1.50 6.97
C GLN A 387 33.16 1.77 5.84
N ALA A 388 33.52 1.33 4.64
CA ALA A 388 32.65 1.46 3.47
C ALA A 388 31.47 0.48 3.51
N SER A 389 31.62 -0.60 4.28
CA SER A 389 30.53 -1.55 4.45
C SER A 389 30.69 -2.36 5.73
N TYR A 390 29.59 -2.98 6.15
CA TYR A 390 29.60 -3.95 7.23
C TYR A 390 28.89 -5.23 6.82
N SER A 391 29.33 -6.34 7.40
CA SER A 391 28.69 -7.62 7.21
CA SER A 391 28.67 -7.62 7.21
C SER A 391 27.77 -7.90 8.40
N ILE A 392 26.47 -7.97 8.14
CA ILE A 392 25.47 -8.19 9.18
C ILE A 392 24.66 -9.45 8.88
N GLN A 393 24.60 -10.34 9.87
CA GLN A 393 23.83 -11.57 9.76
C GLN A 393 22.35 -11.29 9.92
N ALA A 394 21.56 -11.75 8.96
CA ALA A 394 20.10 -11.65 9.02
C ALA A 394 19.52 -12.66 8.04
N SER A 395 18.31 -13.14 8.27
CA SER A 395 17.75 -14.17 7.38
C SER A 395 17.73 -13.69 5.92
N ALA A 396 17.95 -14.62 5.01
CA ALA A 396 17.97 -14.35 3.59
C ALA A 396 16.78 -13.51 3.14
N GLY A 397 17.07 -12.42 2.45
CA GLY A 397 16.05 -11.53 1.95
C GLY A 397 15.74 -10.35 2.84
N SER A 398 16.20 -10.40 4.09
CA SER A 398 15.99 -9.29 5.02
C SER A 398 16.70 -8.04 4.55
N TYR A 399 16.12 -6.89 4.84
CA TYR A 399 16.70 -5.60 4.49
C TYR A 399 17.18 -4.95 5.78
N VAL A 400 18.47 -4.62 5.81
CA VAL A 400 19.14 -4.11 7.00
C VAL A 400 19.51 -2.65 6.77
N ALA A 401 19.16 -1.80 7.73
CA ALA A 401 19.43 -0.36 7.62
C ALA A 401 20.10 0.17 8.88
N ILE A 402 21.15 0.94 8.69
CA ILE A 402 21.86 1.58 9.80
C ILE A 402 21.66 3.09 9.69
N SER A 403 21.25 3.69 10.80
CA SER A 403 20.91 5.12 10.80
C SER A 403 21.22 5.77 12.14
N LYS A 404 21.08 7.09 12.19
CA LYS A 404 21.16 7.82 13.47
C LYS A 404 20.44 9.17 13.31
N ASP A 405 19.57 9.48 14.26
CA ASP A 405 18.79 10.73 14.23
C ASP A 405 18.03 10.96 12.93
N GLY A 406 17.50 9.87 12.37
CA GLY A 406 16.68 9.91 11.17
C GLY A 406 17.45 10.12 9.89
N VAL A 407 18.78 10.06 10.00
CA VAL A 407 19.67 10.11 8.84
C VAL A 407 20.09 8.68 8.52
N LEU A 408 19.81 8.25 7.30
CA LEU A 408 20.15 6.90 6.88
C LEU A 408 21.60 6.87 6.44
N TYR A 409 22.38 5.95 7.01
CA TYR A 409 23.81 5.83 6.71
C TYR A 409 24.12 4.69 5.74
N GLY A 410 23.37 3.61 5.79
CA GLY A 410 23.68 2.47 4.94
C GLY A 410 22.59 1.43 4.93
N THR A 411 22.54 0.64 3.87
CA THR A 411 21.55 -0.41 3.73
C THR A 411 22.16 -1.62 3.01
N GLY A 412 21.55 -2.78 3.21
CA GLY A 412 21.88 -3.95 2.42
C GLY A 412 20.85 -5.05 2.59
N VAL A 413 20.80 -5.96 1.62
CA VAL A 413 19.89 -7.10 1.66
C VAL A 413 20.67 -8.38 1.94
N ALA A 414 20.21 -9.15 2.91
CA ALA A 414 20.87 -10.42 3.22
C ALA A 414 20.76 -11.38 2.04
N ASN A 415 21.91 -11.99 1.70
CA ASN A 415 21.96 -12.96 0.61
C ASN A 415 21.47 -14.33 1.06
N ALA A 416 21.55 -15.31 0.17
CA ALA A 416 20.99 -16.64 0.43
C ALA A 416 21.66 -17.31 1.62
N SER A 417 22.89 -16.88 1.93
CA SER A 417 23.64 -17.44 3.05
CA SER A 417 23.64 -17.43 3.05
C SER A 417 23.46 -16.64 4.34
N GLY A 418 22.47 -15.73 4.37
CA GLY A 418 22.15 -15.04 5.62
C GLY A 418 23.11 -13.93 6.04
N VAL A 419 23.74 -13.29 5.07
CA VAL A 419 24.62 -12.19 5.34
C VAL A 419 24.30 -11.00 4.45
N ALA A 420 23.99 -9.87 5.06
CA ALA A 420 23.83 -8.60 4.36
C ALA A 420 25.14 -7.82 4.32
N THR A 421 25.51 -7.38 3.14
CA THR A 421 26.59 -6.41 3.01
C THR A 421 25.95 -5.04 3.05
N VAL A 422 26.11 -4.35 4.17
CA VAL A 422 25.48 -3.06 4.36
C VAL A 422 26.43 -2.00 3.79
N SER A 423 26.01 -1.40 2.68
N SER A 423 26.02 -1.42 2.67
CA SER A 423 26.83 -0.41 2.01
CA SER A 423 26.82 -0.39 2.00
C SER A 423 26.60 0.96 2.62
C SER A 423 26.58 0.95 2.65
N MET A 424 27.67 1.55 3.15
CA MET A 424 27.59 2.79 3.88
C MET A 424 27.76 3.97 2.94
N THR A 425 26.65 4.57 2.55
CA THR A 425 26.66 5.77 1.73
C THR A 425 27.11 6.98 2.54
N LYS A 426 26.94 6.90 3.86
CA LYS A 426 27.55 7.84 4.79
C LYS A 426 28.31 7.01 5.82
N GLN A 427 29.61 7.21 5.92
CA GLN A 427 30.41 6.40 6.86
C GLN A 427 30.24 6.92 8.28
N ILE A 428 30.46 6.03 9.24
CA ILE A 428 30.36 6.38 10.64
C ILE A 428 31.69 6.99 11.07
N THR A 429 31.64 8.25 11.50
CA THR A 429 32.84 9.00 11.84
C THR A 429 32.78 9.61 13.25
N GLU A 430 31.69 9.37 13.97
CA GLU A 430 31.49 9.94 15.30
C GLU A 430 30.89 8.88 16.22
N ASN A 431 31.31 8.91 17.48
CA ASN A 431 30.72 8.05 18.49
C ASN A 431 29.24 8.36 18.66
N GLY A 432 28.50 7.39 19.17
CA GLY A 432 27.08 7.57 19.40
C GLY A 432 26.36 6.25 19.35
N ASN A 433 25.07 6.29 19.64
CA ASN A 433 24.24 5.11 19.49
C ASN A 433 23.63 5.13 18.12
N TYR A 434 23.90 4.10 17.33
CA TYR A 434 23.35 3.98 16.00
C TYR A 434 22.21 2.98 15.97
N ASP A 435 21.17 3.31 15.21
CA ASP A 435 20.01 2.46 15.08
C ASP A 435 20.27 1.41 14.00
N VAL A 436 19.80 0.20 14.27
CA VAL A 436 19.85 -0.87 13.28
C VAL A 436 18.43 -1.44 13.15
N VAL A 437 17.90 -1.44 11.94
CA VAL A 437 16.56 -1.94 11.68
C VAL A 437 16.64 -3.03 10.64
N ILE A 438 15.95 -4.14 10.88
CA ILE A 438 15.91 -5.25 9.93
C ILE A 438 14.45 -5.56 9.67
N THR A 439 14.08 -5.49 8.40
CA THR A 439 12.71 -5.81 7.98
C THR A 439 12.69 -6.89 6.92
N ARG A 440 11.55 -7.56 6.83
CA ARG A 440 11.35 -8.59 5.83
C ARG A 440 9.84 -8.81 5.73
N SER A 441 9.35 -9.03 4.51
CA SER A 441 7.93 -9.23 4.28
C SER A 441 7.41 -10.38 5.15
N ASN A 442 6.37 -10.07 5.91
CA ASN A 442 5.70 -10.98 6.82
C ASN A 442 6.56 -11.47 7.99
N TYR A 443 7.54 -10.65 8.37
CA TYR A 443 8.30 -10.79 9.59
C TYR A 443 8.09 -9.56 10.47
N LEU A 444 8.07 -9.80 11.77
CA LEU A 444 8.13 -8.71 12.74
C LEU A 444 9.44 -7.95 12.53
N PRO A 445 9.40 -6.63 12.61
CA PRO A 445 10.65 -5.85 12.48
C PRO A 445 11.59 -6.03 13.67
N VAL A 446 12.89 -5.94 13.39
CA VAL A 446 13.90 -5.88 14.42
C VAL A 446 14.36 -4.45 14.50
N ILE A 447 14.28 -3.85 15.69
CA ILE A 447 14.65 -2.46 15.90
C ILE A 447 15.54 -2.39 17.11
N LYS A 448 16.83 -2.16 16.87
CA LYS A 448 17.85 -2.26 17.91
C LYS A 448 18.82 -1.10 17.77
N GLN A 449 19.85 -1.09 18.60
CA GLN A 449 20.89 -0.10 18.44
C GLN A 449 22.24 -0.72 18.73
N ILE A 450 23.27 -0.08 18.20
CA ILE A 450 24.65 -0.48 18.42
C ILE A 450 25.41 0.75 18.85
N GLN A 451 26.19 0.58 19.93
CA GLN A 451 26.96 1.67 20.49
C GLN A 451 28.29 1.77 19.75
N VAL A 452 28.64 2.96 19.28
CA VAL A 452 29.97 3.21 18.71
C VAL A 452 30.78 4.12 19.62
S SO4 B . 5.27 -16.09 4.15
O1 SO4 B . 3.83 -15.85 4.04
O2 SO4 B . 5.94 -15.09 3.32
O3 SO4 B . 5.56 -17.43 3.65
O4 SO4 B . 5.68 -15.92 5.54
S SO4 C . -29.39 -7.90 6.48
O1 SO4 C . -28.99 -6.56 6.92
O2 SO4 C . -30.84 -7.95 6.26
O3 SO4 C . -29.06 -8.87 7.52
O4 SO4 C . -28.71 -8.20 5.22
S SO4 D . -0.02 -9.66 -22.64
O1 SO4 D . -0.52 -9.31 -23.95
O2 SO4 D . -0.91 -9.11 -21.64
O3 SO4 D . 1.35 -9.19 -22.50
O4 SO4 D . -0.02 -11.12 -22.51
S SO4 E . -23.17 -4.63 11.68
O1 SO4 E . -23.32 -3.29 12.24
O2 SO4 E . -24.50 -5.26 11.62
O3 SO4 E . -22.65 -4.46 10.33
O4 SO4 E . -22.26 -5.45 12.49
NA NA F . 3.34 -10.87 -2.09
NA NA G . -5.60 -16.13 -10.56
K K H . -26.66 -3.78 -10.82
C ACT I . 9.40 23.17 -11.60
O ACT I . 9.28 24.39 -11.97
OXT ACT I . 8.34 22.53 -11.47
CH3 ACT I . 10.69 22.45 -11.28
H1 ACT I . 11.52 23.15 -11.41
H2 ACT I . 10.81 21.61 -11.95
H3 ACT I . 10.66 22.11 -10.25
C1 EDO J . -20.25 -1.25 13.32
O1 EDO J . -21.60 -1.70 13.22
C2 EDO J . -19.92 -0.45 12.08
O2 EDO J . -21.02 0.42 11.73
H11 EDO J . -19.57 -2.11 13.40
H12 EDO J . -20.12 -0.63 14.21
HO1 EDO J . -21.82 -2.22 14.01
H21 EDO J . -19.03 0.15 12.25
H22 EDO J . -19.72 -1.13 11.25
HO2 EDO J . -20.79 0.92 10.94
C1 EDO K . -11.67 12.34 10.21
O1 EDO K . -13.06 12.58 10.47
C2 EDO K . -10.83 13.10 11.23
O2 EDO K . -11.10 14.51 11.16
H11 EDO K . -11.42 12.68 9.20
H12 EDO K . -11.45 11.27 10.28
HO1 EDO K . -13.60 12.10 9.82
H21 EDO K . -9.77 12.92 11.04
H22 EDO K . -11.06 12.74 12.23
HO2 EDO K . -10.57 14.98 11.81
C1 EDO L . -12.41 -20.34 -15.81
O1 EDO L . -13.62 -20.72 -15.14
C2 EDO L . -11.35 -19.81 -14.85
O2 EDO L . -10.84 -20.82 -13.97
H11 EDO L . -12.63 -19.58 -16.57
H12 EDO L . -12.00 -21.21 -16.35
HO1 EDO L . -14.26 -21.04 -15.80
H21 EDO L . -11.80 -19.02 -14.25
H22 EDO L . -10.53 -19.37 -15.42
HO2 EDO L . -10.18 -20.44 -13.38
C1 EDO M . 1.09 -17.72 9.40
O1 EDO M . 1.74 -19.00 9.49
C2 EDO M . 1.87 -16.80 8.46
O2 EDO M . 3.25 -16.70 8.88
H11 EDO M . 0.08 -17.86 9.02
H12 EDO M . 1.03 -17.28 10.39
HO1 EDO M . 1.24 -19.57 10.09
H21 EDO M . 1.83 -17.18 7.45
H22 EDO M . 1.42 -15.80 8.47
HO2 EDO M . 3.72 -16.11 8.28
C1 EDO N . 2.46 -20.22 0.37
O1 EDO N . 1.86 -19.46 1.43
C2 EDO N . 1.46 -21.26 -0.08
O2 EDO N . 0.31 -20.58 -0.58
H11 EDO N . 3.37 -20.70 0.73
H12 EDO N . 2.72 -19.56 -0.45
HO1 EDO N . 2.48 -18.78 1.74
H21 EDO N . 1.90 -21.88 -0.87
H22 EDO N . 1.18 -21.91 0.75
HO2 EDO N . -0.35 -21.24 -0.87
C1 EDO O . -1.12 -16.50 -17.23
O1 EDO O . -0.45 -15.24 -17.41
C2 EDO O . -1.84 -16.92 -18.50
O2 EDO O . -2.66 -15.86 -19.01
H11 EDO O . -1.84 -16.41 -16.41
H12 EDO O . -0.39 -17.26 -16.95
HO1 EDO O . 0.00 -14.99 -16.59
H21 EDO O . -1.11 -17.21 -19.26
H22 EDO O . -2.47 -17.79 -18.29
HO2 EDO O . -3.11 -16.14 -19.81
C1 EDO P . -15.30 -12.70 16.87
O1 EDO P . -16.55 -12.31 17.44
C2 EDO P . -15.24 -14.21 16.77
O2 EDO P . -13.95 -14.60 16.32
H11 EDO P . -15.20 -12.26 15.88
H12 EDO P . -14.48 -12.33 17.49
HO1 EDO P . -16.59 -11.35 17.51
H21 EDO P . -16.00 -14.56 16.07
H22 EDO P . -15.45 -14.65 17.75
HO2 EDO P . -13.90 -15.56 16.25
C1 EDO Q . -24.61 -4.47 7.99
O1 EDO Q . -25.06 -4.57 9.34
C2 EDO Q . -25.86 -4.38 7.13
O2 EDO Q . -26.86 -5.22 7.72
H11 EDO Q . -24.00 -3.58 7.86
H12 EDO Q . -24.02 -5.34 7.71
HO1 EDO Q . -24.29 -4.64 9.93
H21 EDO Q . -26.22 -3.34 7.10
H22 EDO Q . -25.64 -4.70 6.11
HO2 EDO Q . -27.66 -5.18 7.19
C1 EDO R . 13.87 -4.33 -10.49
O1 EDO R . 13.42 -5.54 -9.85
C2 EDO R . 12.81 -3.25 -10.33
O2 EDO R . 11.63 -3.84 -9.79
H11 EDO R . 14.81 -4.00 -10.03
H12 EDO R . 14.06 -4.52 -11.54
HO1 EDO R . 14.10 -6.23 -9.95
H21 EDO R . 13.18 -2.47 -9.67
H22 EDO R . 12.60 -2.80 -11.30
HO2 EDO R . 10.95 -3.15 -9.68
C1 EDO S . -2.09 4.05 18.59
O1 EDO S . -3.36 3.45 18.39
C2 EDO S . -1.69 4.28 17.15
O2 EDO S . -2.75 5.03 16.57
H11 EDO S . -2.17 4.99 19.13
H12 EDO S . -1.40 3.37 19.09
HO1 EDO S . -3.76 3.23 19.25
H21 EDO S . -1.57 3.33 16.62
H22 EDO S . -0.75 4.84 17.10
HO2 EDO S . -2.55 5.21 15.64
PB PB T . -10.63 15.36 -0.51
S TCK U . -21.82 -0.55 -11.83
O1S TCK U . -21.28 -1.56 -12.71
O2S TCK U . -22.97 -1.15 -11.15
C1 TCK U . -22.35 0.89 -12.75
C2 TCK U . -23.70 1.23 -12.73
C3 TCK U . -24.13 2.36 -13.44
C4 TCK U . -23.22 3.11 -14.15
C5 TCK U . -21.85 2.75 -14.17
C6 TCK U . -21.42 1.63 -13.47
C7 TCK U . -23.69 4.31 -14.92
N TCK U . -20.66 -0.11 -10.75
CA TCK U . -20.71 -0.46 -9.33
C TCK U . -20.66 0.82 -8.53
O TCK U . -20.28 0.83 -7.39
CB TCK U . -19.49 -1.35 -8.96
CG TCK U . -19.56 -2.70 -9.63
CD TCK U . -18.24 -3.54 -9.43
CE TCK U . -18.16 -4.22 -8.10
NZ TCK U . -16.90 -4.92 -7.98
CM TCK U . -21.04 2.13 -9.26
H2 TCK U . -24.33 0.70 -12.21
H3 TCK U . -25.06 2.62 -13.43
H5 TCK U . -21.21 3.29 -14.69
H6 TCK U . -20.44 1.37 -13.49
H1 TCK U . -23.82 5.06 -14.31
H2A TCK U . -23.05 4.55 -15.59
H3A TCK U . -24.58 4.10 -15.36
H TCK U . -19.94 0.39 -11.06
HA TCK U . -21.52 -0.94 -9.13
HB2 TCK U . -19.46 -1.48 -7.96
HB3 TCK U . -18.66 -0.89 -9.25
HG2 TCK U . -19.71 -2.58 -10.60
HG3 TCK U . -20.31 -3.21 -9.25
HD2 TCK U . -18.19 -4.24 -10.15
HD3 TCK U . -17.45 -2.93 -9.53
HE2 TCK U . -18.91 -4.89 -8.01
HE3 TCK U . -18.24 -3.55 -7.37
HZ1 TCK U . -17.04 -5.80 -7.89
HZ2 TCK U . -16.40 -4.76 -8.72
HM1 TCK U . -21.65 1.92 -9.99
HM2 TCK U . -21.46 2.73 -8.63
#